data_7JRB
#
_entry.id   7JRB
#
_cell.length_a   59.009
_cell.length_b   84.473
_cell.length_c   98.367
_cell.angle_alpha   90.000
_cell.angle_beta   90.000
_cell.angle_gamma   90.000
#
_symmetry.space_group_name_H-M   'P 21 21 21'
#
loop_
_entity.id
_entity.type
_entity.pdbx_description
1 polymer 'Phospholipase D'
2 non-polymer '2-(N-MORPHOLINO)-ETHANESULFONIC ACID'
3 non-polymer GLYCEROL
4 water water
#
_entity_poly.entity_id   1
_entity_poly.type   'polypeptide(L)'
_entity_poly.pdbx_seq_one_letter_code
;ADTPPTPHLDAIERSLRDTSPGLEGSVWQRTDGNRLDAPDGDPAGWLLQTPGCWGDAGCKDRAGTRRLLDKMTRNIADAR
HTVDISSLAPFPNGGFEDAVVDGLKASVAAGHSPRVRILVGAAPIYHLNVVPSRYRDELIGKLGAAAGKVTLNVASMTTS
KTSLSWNHSKLLVVDGKTAITGGINTNKDDYLDTAHPVSDVDMALSGPAARSAGKYLDTLWDWTCRNASDPAKVWLATSN
GASCMPSMEQDEAGSAPAEPTGDVPVIAVGGLGVGIKESDPSSGYHPDLPTAPDTKCTVGLHDNTNADRDYDTVNPEENA
LRSLIASARSHVEISQQDLNATCPPLPRYDIRTYDTLAGKLAAGVKVRIVVSDPANRGAVGSGGRSQIKSLDEISDTLRT
RLVALTGDNEKASRALCGNLQLASFRSSDAAKWADGKPYALHHKLVSVDDSAFYIGSKNLYPAWLQDFGYIVESPAAAQQ
LKTELLDPEWKYSQQAAATPAGCPARQAG
;
_entity_poly.pdbx_strand_id   A
#
loop_
_chem_comp.id
_chem_comp.type
_chem_comp.name
_chem_comp.formula
GOL non-polymer GLYCEROL 'C3 H8 O3'
MES non-polymer '2-(N-MORPHOLINO)-ETHANESULFONIC ACID' 'C6 H13 N O4 S'
#
# COMPACT_ATOMS: atom_id res chain seq x y z
N PRO A 4 9.60 26.46 1.74
CA PRO A 4 8.73 25.56 2.51
C PRO A 4 9.47 24.35 3.06
N PRO A 5 9.51 24.21 4.40
CA PRO A 5 10.30 23.16 5.01
C PRO A 5 9.54 21.84 5.07
N THR A 6 10.28 20.75 4.89
CA THR A 6 9.73 19.40 4.87
C THR A 6 10.34 18.57 6.00
N PRO A 7 10.11 18.98 7.25
CA PRO A 7 10.82 18.30 8.37
C PRO A 7 10.50 16.83 8.48
N HIS A 8 9.26 16.43 8.19
CA HIS A 8 8.95 15.02 8.24
C HIS A 8 9.66 14.26 7.11
N LEU A 9 9.63 14.82 5.89
CA LEU A 9 10.28 14.15 4.78
C LEU A 9 11.78 14.05 4.96
N ASP A 10 12.40 15.10 5.53
CA ASP A 10 13.82 15.04 5.79
C ASP A 10 14.16 13.82 6.63
N ALA A 11 13.45 13.62 7.74
CA ALA A 11 13.77 12.52 8.64
C ALA A 11 13.60 11.18 7.95
N ILE A 12 12.55 11.05 7.13
CA ILE A 12 12.34 9.79 6.41
C ILE A 12 13.43 9.59 5.37
N GLU A 13 13.82 10.66 4.68
CA GLU A 13 14.91 10.57 3.72
C GLU A 13 16.19 10.13 4.41
N ARG A 14 16.45 10.64 5.61
CA ARG A 14 17.67 10.27 6.32
C ARG A 14 17.64 8.80 6.74
N SER A 15 16.48 8.33 7.20
CA SER A 15 16.37 6.91 7.54
C SER A 15 16.52 6.02 6.32
N LEU A 16 16.00 6.47 5.17
CA LEU A 16 16.05 5.63 3.98
C LEU A 16 17.45 5.62 3.37
N ARG A 17 18.19 6.72 3.46
CA ARG A 17 19.54 6.67 2.90
C ARG A 17 20.49 5.91 3.81
N ASP A 18 20.27 5.96 5.13
CA ASP A 18 21.05 5.10 6.02
C ASP A 18 20.69 3.62 5.83
N THR A 19 19.48 3.33 5.38
CA THR A 19 19.09 1.93 5.27
C THR A 19 19.43 1.34 3.91
N SER A 20 19.02 1.98 2.84
CA SER A 20 19.14 1.44 1.49
C SER A 20 19.64 2.51 0.53
N PRO A 21 20.89 2.95 0.68
CA PRO A 21 21.44 3.89 -0.32
C PRO A 21 21.52 3.31 -1.71
N GLY A 22 21.89 2.02 -1.82
CA GLY A 22 22.00 1.41 -3.14
C GLY A 22 20.70 1.39 -3.91
N LEU A 23 19.58 1.37 -3.19
CA LEU A 23 18.26 1.31 -3.80
C LEU A 23 17.69 2.69 -4.12
N GLU A 24 18.39 3.76 -3.74
CA GLU A 24 17.93 5.09 -4.09
C GLU A 24 17.92 5.26 -5.60
N GLY A 25 16.79 5.67 -6.15
CA GLY A 25 16.61 5.76 -7.57
C GLY A 25 15.84 4.59 -8.17
N SER A 26 15.78 3.45 -7.47
CA SER A 26 14.98 2.33 -7.95
C SER A 26 13.89 1.96 -6.96
N VAL A 27 14.23 1.57 -5.72
CA VAL A 27 13.21 1.11 -4.80
C VAL A 27 12.66 2.24 -3.93
N TRP A 28 13.42 3.32 -3.74
CA TRP A 28 12.89 4.53 -3.11
C TRP A 28 13.51 5.75 -3.79
N GLN A 29 12.71 6.80 -3.90
CA GLN A 29 13.22 8.07 -4.42
C GLN A 29 12.37 9.23 -3.93
N ARG A 30 13.04 10.29 -3.52
CA ARG A 30 12.39 11.54 -3.16
C ARG A 30 12.44 12.49 -4.36
N THR A 31 11.31 13.13 -4.65
CA THR A 31 11.23 14.06 -5.77
C THR A 31 10.48 15.32 -5.36
N ASP A 32 10.72 16.38 -6.14
CA ASP A 32 10.03 17.65 -6.04
C ASP A 32 9.23 17.90 -7.31
N GLY A 33 8.26 18.80 -7.21
CA GLY A 33 7.54 19.24 -8.38
C GLY A 33 6.40 18.35 -8.79
N ASN A 34 5.83 17.60 -7.87
CA ASN A 34 4.72 16.72 -8.19
C ASN A 34 3.41 17.47 -8.05
N ARG A 35 2.36 16.93 -8.66
CA ARG A 35 1.03 17.49 -8.51
C ARG A 35 0.10 16.38 -8.07
N LEU A 36 -0.73 16.65 -7.07
CA LEU A 36 -1.79 15.71 -6.75
C LEU A 36 -2.87 15.86 -7.82
N ASP A 37 -3.07 14.80 -8.60
CA ASP A 37 -3.74 14.92 -9.90
C ASP A 37 -5.26 14.89 -9.71
N ALA A 38 -5.83 16.08 -9.26
CA ALA A 38 -7.28 16.22 -9.08
C ALA A 38 -7.91 16.83 -10.32
N PRO A 39 -9.16 16.46 -10.61
CA PRO A 39 -9.84 17.06 -11.76
C PRO A 39 -10.25 18.52 -11.53
N ASP A 40 -10.82 19.13 -12.56
CA ASP A 40 -11.21 20.53 -12.51
C ASP A 40 -12.47 20.70 -11.68
N GLY A 41 -12.45 21.69 -10.79
CA GLY A 41 -13.58 21.90 -9.90
C GLY A 41 -13.77 20.86 -8.82
N ASP A 42 -12.74 20.06 -8.52
CA ASP A 42 -12.79 19.08 -7.43
C ASP A 42 -11.39 18.91 -6.88
N PRO A 43 -10.89 19.91 -6.15
CA PRO A 43 -9.46 19.91 -5.78
C PRO A 43 -9.06 18.77 -4.86
N ALA A 44 -9.99 18.06 -4.24
CA ALA A 44 -9.64 16.87 -3.47
C ALA A 44 -9.84 15.59 -4.27
N GLY A 45 -10.14 15.71 -5.56
CA GLY A 45 -10.34 14.55 -6.41
C GLY A 45 -9.16 13.63 -6.51
N TRP A 46 -7.96 14.11 -6.16
CA TRP A 46 -6.76 13.25 -6.20
C TRP A 46 -6.84 12.10 -5.20
N LEU A 47 -7.62 12.25 -4.13
CA LEU A 47 -7.81 11.19 -3.13
C LEU A 47 -8.92 10.27 -3.60
N LEU A 48 -8.57 9.02 -3.90
CA LEU A 48 -9.52 8.08 -4.50
C LEU A 48 -9.93 7.06 -3.45
N GLN A 49 -11.10 7.27 -2.86
CA GLN A 49 -11.66 6.42 -1.83
C GLN A 49 -12.71 5.52 -2.44
N THR A 50 -12.91 4.36 -1.83
CA THR A 50 -13.95 3.45 -2.24
C THR A 50 -14.51 2.81 -0.99
N PRO A 51 -15.84 2.66 -0.89
CA PRO A 51 -16.78 3.04 -1.95
C PRO A 51 -17.12 4.53 -1.94
N GLY A 52 -16.72 5.21 -0.88
CA GLY A 52 -17.07 6.61 -0.76
C GLY A 52 -18.55 6.82 -0.54
N CYS A 53 -19.04 6.35 0.61
CA CYS A 53 -20.43 6.54 0.98
C CYS A 53 -20.53 6.67 2.51
N TRP A 54 -19.76 7.61 3.06
CA TRP A 54 -19.87 7.94 4.48
C TRP A 54 -21.33 8.17 4.86
N GLY A 55 -21.72 7.70 6.03
CA GLY A 55 -23.04 7.94 6.55
C GLY A 55 -24.17 7.17 5.90
N ASP A 56 -23.87 6.32 4.93
CA ASP A 56 -24.88 5.57 4.19
C ASP A 56 -24.58 4.09 4.39
N ALA A 57 -25.25 3.46 5.37
CA ALA A 57 -25.07 2.04 5.61
C ALA A 57 -25.58 1.18 4.47
N GLY A 58 -26.35 1.76 3.54
CA GLY A 58 -26.86 1.00 2.41
C GLY A 58 -25.96 1.19 1.21
N CYS A 59 -25.17 2.26 1.24
CA CYS A 59 -24.21 2.60 0.19
C CYS A 59 -24.87 2.55 -1.19
N LYS A 60 -25.87 3.42 -1.38
CA LYS A 60 -26.56 3.48 -2.66
C LYS A 60 -25.67 4.06 -3.74
N ASP A 61 -24.96 5.13 -3.42
CA ASP A 61 -24.21 5.91 -4.40
C ASP A 61 -22.71 5.79 -4.10
N ARG A 62 -22.03 4.90 -4.82
CA ARG A 62 -20.59 4.69 -4.63
C ARG A 62 -19.80 5.68 -5.48
N ALA A 63 -19.96 6.97 -5.13
CA ALA A 63 -19.29 8.02 -5.87
C ALA A 63 -17.77 7.82 -5.86
N GLY A 64 -17.23 7.39 -4.72
CA GLY A 64 -15.81 7.09 -4.65
C GLY A 64 -15.40 6.02 -5.64
N THR A 65 -16.12 4.89 -5.65
CA THR A 65 -15.86 3.85 -6.64
C THR A 65 -15.90 4.41 -8.06
N ARG A 66 -16.92 5.22 -8.35
CA ARG A 66 -17.07 5.79 -9.69
C ARG A 66 -15.85 6.62 -10.08
N ARG A 67 -15.36 7.46 -9.17
CA ARG A 67 -14.23 8.31 -9.52
C ARG A 67 -12.97 7.48 -9.74
N LEU A 68 -12.78 6.42 -8.95
CA LEU A 68 -11.58 5.60 -9.14
C LEU A 68 -11.56 4.99 -10.54
N LEU A 69 -12.69 4.42 -10.96
CA LEU A 69 -12.73 3.73 -12.24
C LEU A 69 -12.61 4.71 -13.40
N ASP A 70 -13.30 5.84 -13.35
CA ASP A 70 -13.15 6.83 -14.41
C ASP A 70 -11.71 7.32 -14.46
N LYS A 71 -11.11 7.59 -13.29
CA LYS A 71 -9.75 8.11 -13.27
C LYS A 71 -8.75 7.08 -13.79
N MET A 72 -8.99 5.79 -13.59
CA MET A 72 -8.11 4.80 -14.20
C MET A 72 -8.32 4.76 -15.71
N THR A 73 -9.57 4.82 -16.15
CA THR A 73 -9.86 4.82 -17.59
C THR A 73 -9.22 6.02 -18.27
N ARG A 74 -9.41 7.22 -17.70
CA ARG A 74 -8.82 8.41 -18.30
C ARG A 74 -7.30 8.32 -18.33
N ASN A 75 -6.67 7.85 -17.25
CA ASN A 75 -5.21 7.81 -17.21
C ASN A 75 -4.66 6.91 -18.30
N ILE A 76 -5.34 5.78 -18.56
CA ILE A 76 -4.90 4.88 -19.62
C ILE A 76 -5.27 5.43 -20.99
N ALA A 77 -6.43 6.10 -21.12
CA ALA A 77 -6.78 6.70 -22.40
C ALA A 77 -5.78 7.76 -22.85
N ASP A 78 -5.09 8.40 -21.91
CA ASP A 78 -4.07 9.40 -22.22
C ASP A 78 -2.70 8.80 -22.51
N ALA A 79 -2.60 7.49 -22.63
CA ALA A 79 -1.29 6.85 -22.75
C ALA A 79 -0.73 7.08 -24.15
N ARG A 80 0.52 7.54 -24.21
CA ARG A 80 1.23 7.61 -25.48
C ARG A 80 2.12 6.39 -25.71
N HIS A 81 2.79 5.91 -24.66
CA HIS A 81 3.85 4.93 -24.84
C HIS A 81 3.71 3.70 -23.95
N THR A 82 3.44 3.91 -22.67
CA THR A 82 3.54 2.84 -21.70
C THR A 82 2.38 2.86 -20.73
N VAL A 83 1.91 1.68 -20.37
CA VAL A 83 0.99 1.48 -19.26
C VAL A 83 1.59 0.39 -18.39
N ASP A 84 1.68 0.67 -17.09
CA ASP A 84 2.36 -0.20 -16.15
C ASP A 84 1.42 -0.48 -14.99
N ILE A 85 1.07 -1.74 -14.80
CA ILE A 85 0.04 -2.14 -13.84
C ILE A 85 0.57 -3.27 -12.98
N SER A 86 0.44 -3.12 -11.65
CA SER A 86 0.75 -4.21 -10.73
C SER A 86 -0.36 -4.32 -9.71
N SER A 87 -0.52 -5.52 -9.18
CA SER A 87 -1.57 -5.82 -8.20
C SER A 87 -1.26 -7.14 -7.52
N LEU A 88 -2.14 -7.53 -6.60
CA LEU A 88 -2.19 -8.90 -6.13
C LEU A 88 -3.15 -9.66 -7.05
N ALA A 89 -2.91 -10.97 -7.22
CA ALA A 89 -3.79 -11.74 -8.09
C ALA A 89 -5.23 -11.63 -7.57
N PRO A 90 -6.24 -11.78 -8.44
CA PRO A 90 -6.22 -12.13 -9.88
C PRO A 90 -5.80 -10.97 -10.76
N PHE A 91 -5.68 -11.27 -12.05
CA PHE A 91 -5.53 -10.21 -13.02
C PHE A 91 -6.83 -9.39 -13.05
N PRO A 92 -6.74 -8.09 -13.31
CA PRO A 92 -7.90 -7.21 -13.16
C PRO A 92 -9.09 -7.77 -13.90
N ASN A 93 -10.23 -7.85 -13.21
CA ASN A 93 -11.47 -8.30 -13.80
C ASN A 93 -12.56 -7.27 -13.55
N GLY A 94 -13.76 -7.60 -14.02
CA GLY A 94 -14.91 -6.74 -13.80
C GLY A 94 -14.64 -5.35 -14.35
N GLY A 95 -15.21 -4.35 -13.66
CA GLY A 95 -15.02 -2.98 -14.07
C GLY A 95 -13.57 -2.55 -14.11
N PHE A 96 -12.70 -3.24 -13.34
CA PHE A 96 -11.27 -2.97 -13.42
C PHE A 96 -10.72 -3.30 -14.80
N GLU A 97 -11.05 -4.49 -15.31
CA GLU A 97 -10.62 -4.88 -16.65
C GLU A 97 -11.20 -3.96 -17.72
N ASP A 98 -12.47 -3.58 -17.56
CA ASP A 98 -13.12 -2.62 -18.47
C ASP A 98 -12.32 -1.33 -18.59
N ALA A 99 -11.84 -0.81 -17.46
CA ALA A 99 -11.07 0.42 -17.47
C ALA A 99 -9.81 0.27 -18.30
N VAL A 100 -9.11 -0.86 -18.13
CA VAL A 100 -7.93 -1.13 -18.94
C VAL A 100 -8.32 -1.24 -20.42
N VAL A 101 -9.37 -2.02 -20.71
CA VAL A 101 -9.78 -2.21 -22.10
C VAL A 101 -10.17 -0.88 -22.73
N ASP A 102 -11.11 -0.17 -22.09
CA ASP A 102 -11.61 1.07 -22.69
C ASP A 102 -10.48 2.10 -22.85
N GLY A 103 -9.57 2.17 -21.88
CA GLY A 103 -8.47 3.11 -21.99
C GLY A 103 -7.52 2.74 -23.11
N LEU A 104 -7.19 1.45 -23.22
CA LEU A 104 -6.27 0.99 -24.27
C LEU A 104 -6.84 1.24 -25.67
N LYS A 105 -8.13 0.92 -25.88
CA LYS A 105 -8.76 1.23 -27.16
C LYS A 105 -8.71 2.74 -27.44
N ALA A 106 -8.98 3.56 -26.44
CA ALA A 106 -8.91 5.01 -26.65
C ALA A 106 -7.50 5.42 -27.06
N SER A 107 -6.49 4.86 -26.39
CA SER A 107 -5.11 5.21 -26.71
C SER A 107 -4.78 4.84 -28.15
N VAL A 108 -5.07 3.60 -28.54
CA VAL A 108 -4.87 3.16 -29.92
C VAL A 108 -5.61 4.07 -30.89
N ALA A 109 -6.86 4.44 -30.58
CA ALA A 109 -7.62 5.31 -31.46
C ALA A 109 -6.89 6.64 -31.72
N ALA A 110 -6.26 7.20 -30.68
CA ALA A 110 -5.45 8.41 -30.85
C ALA A 110 -4.18 8.18 -31.68
N GLY A 111 -3.95 6.96 -32.16
CA GLY A 111 -2.81 6.67 -32.99
C GLY A 111 -1.56 6.18 -32.30
N HIS A 112 -1.66 5.76 -31.03
CA HIS A 112 -0.52 5.34 -30.24
C HIS A 112 -0.37 3.83 -30.26
N SER A 113 0.86 3.37 -29.98
CA SER A 113 1.18 1.95 -29.88
C SER A 113 1.65 1.62 -28.46
N PRO A 114 0.72 1.56 -27.52
CA PRO A 114 1.11 1.43 -26.09
C PRO A 114 1.72 0.06 -25.79
N ARG A 115 2.87 0.08 -25.12
CA ARG A 115 3.43 -1.11 -24.53
C ARG A 115 2.93 -1.21 -23.09
N VAL A 116 2.59 -2.43 -22.68
CA VAL A 116 1.84 -2.61 -21.43
C VAL A 116 2.40 -3.79 -20.66
N ARG A 117 2.75 -3.55 -19.39
CA ARG A 117 3.16 -4.58 -18.45
C ARG A 117 2.10 -4.75 -17.37
N ILE A 118 1.78 -6.00 -17.04
CA ILE A 118 0.74 -6.32 -16.07
C ILE A 118 1.29 -7.42 -15.17
N LEU A 119 1.48 -7.11 -13.88
CA LEU A 119 2.20 -7.97 -12.95
C LEU A 119 1.34 -8.26 -11.73
N VAL A 120 1.12 -9.54 -11.44
CA VAL A 120 0.41 -9.89 -10.20
C VAL A 120 1.26 -10.83 -9.35
N GLY A 121 1.09 -10.67 -8.04
CA GLY A 121 1.70 -11.55 -7.06
C GLY A 121 0.70 -12.60 -6.60
N ALA A 122 1.16 -13.84 -6.50
CA ALA A 122 0.32 -14.96 -6.12
C ALA A 122 1.04 -15.73 -5.04
N ALA A 123 0.32 -15.96 -3.92
CA ALA A 123 0.81 -16.79 -2.82
C ALA A 123 0.91 -18.25 -3.24
N PRO A 124 1.90 -18.99 -2.70
CA PRO A 124 2.07 -20.40 -3.12
C PRO A 124 0.84 -21.26 -2.91
N ILE A 125 -0.04 -20.90 -1.96
CA ILE A 125 -1.28 -21.65 -1.75
C ILE A 125 -2.31 -21.37 -2.84
N TYR A 126 -2.20 -20.25 -3.55
CA TYR A 126 -3.30 -19.76 -4.39
C TYR A 126 -3.24 -20.35 -5.80
N HIS A 127 -4.34 -20.97 -6.22
CA HIS A 127 -4.47 -21.45 -7.58
C HIS A 127 -5.01 -20.32 -8.45
N LEU A 128 -4.28 -20.02 -9.53
CA LEU A 128 -4.70 -18.99 -10.48
C LEU A 128 -5.67 -19.58 -11.46
N ASN A 129 -6.90 -19.10 -11.46
CA ASN A 129 -7.87 -19.57 -12.44
C ASN A 129 -7.46 -19.09 -13.83
N VAL A 130 -7.63 -17.78 -14.07
CA VAL A 130 -7.24 -17.16 -15.33
C VAL A 130 -5.74 -16.85 -15.24
N VAL A 131 -4.94 -17.68 -15.90
CA VAL A 131 -3.46 -17.66 -15.85
C VAL A 131 -2.95 -16.66 -16.89
N PRO A 132 -1.68 -16.24 -16.82
CA PRO A 132 -1.22 -15.14 -17.70
C PRO A 132 -1.62 -15.28 -19.17
N SER A 133 -1.36 -16.44 -19.79
CA SER A 133 -1.69 -16.62 -21.19
C SER A 133 -3.19 -16.52 -21.43
N ARG A 134 -3.99 -17.00 -20.48
CA ARG A 134 -5.43 -16.89 -20.64
C ARG A 134 -5.86 -15.44 -20.50
N TYR A 135 -5.28 -14.72 -19.55
CA TYR A 135 -5.60 -13.30 -19.43
C TYR A 135 -5.16 -12.55 -20.68
N ARG A 136 -3.92 -12.76 -21.11
CA ARG A 136 -3.42 -12.08 -22.31
C ARG A 136 -4.33 -12.35 -23.50
N ASP A 137 -4.78 -13.60 -23.65
CA ASP A 137 -5.76 -13.91 -24.71
C ASP A 137 -7.04 -13.11 -24.51
N GLU A 138 -7.49 -12.98 -23.27
CA GLU A 138 -8.74 -12.27 -22.99
C GLU A 138 -8.62 -10.80 -23.35
N LEU A 139 -7.50 -10.16 -23.02
CA LEU A 139 -7.30 -8.76 -23.37
C LEU A 139 -7.26 -8.60 -24.87
N ILE A 140 -6.47 -9.43 -25.56
CA ILE A 140 -6.46 -9.40 -27.01
C ILE A 140 -7.87 -9.59 -27.54
N GLY A 141 -8.63 -10.48 -26.93
CA GLY A 141 -10.02 -10.66 -27.30
C GLY A 141 -10.83 -9.39 -27.18
N LYS A 142 -10.87 -8.81 -25.99
CA LYS A 142 -11.70 -7.62 -25.77
C LYS A 142 -11.19 -6.39 -26.54
N LEU A 143 -9.88 -6.28 -26.78
CA LEU A 143 -9.36 -5.13 -27.52
C LEU A 143 -9.78 -5.17 -28.99
N GLY A 144 -10.16 -6.35 -29.49
CA GLY A 144 -10.56 -6.48 -30.87
C GLY A 144 -9.44 -6.04 -31.78
N ALA A 145 -9.79 -5.19 -32.75
CA ALA A 145 -8.83 -4.79 -33.78
C ALA A 145 -7.67 -3.98 -33.20
N ALA A 146 -7.87 -3.31 -32.07
CA ALA A 146 -6.80 -2.52 -31.47
C ALA A 146 -5.66 -3.37 -30.91
N ALA A 147 -5.82 -4.69 -30.83
CA ALA A 147 -4.79 -5.52 -30.21
C ALA A 147 -3.49 -5.50 -31.02
N GLY A 148 -3.58 -5.24 -32.32
CA GLY A 148 -2.38 -5.21 -33.15
C GLY A 148 -1.40 -4.12 -32.76
N LYS A 149 -1.88 -3.04 -32.15
CA LYS A 149 -1.03 -1.93 -31.75
C LYS A 149 -0.72 -1.94 -30.25
N VAL A 150 -0.94 -3.06 -29.57
CA VAL A 150 -0.72 -3.16 -28.12
C VAL A 150 0.30 -4.25 -27.88
N THR A 151 1.44 -3.89 -27.28
CA THR A 151 2.45 -4.84 -26.84
C THR A 151 2.17 -5.23 -25.39
N LEU A 152 1.95 -6.52 -25.14
CA LEU A 152 1.53 -6.98 -23.83
C LEU A 152 2.60 -7.88 -23.22
N ASN A 153 2.88 -7.63 -21.93
CA ASN A 153 3.60 -8.52 -21.04
C ASN A 153 2.65 -8.80 -19.89
N VAL A 154 2.35 -10.07 -19.66
CA VAL A 154 1.49 -10.50 -18.57
C VAL A 154 2.26 -11.56 -17.77
N ALA A 155 2.35 -11.35 -16.46
CA ALA A 155 3.11 -12.25 -15.60
C ALA A 155 2.47 -12.36 -14.22
N SER A 156 2.51 -13.57 -13.65
CA SER A 156 2.21 -13.81 -12.24
C SER A 156 3.46 -14.37 -11.57
N MET A 157 3.70 -13.98 -10.32
CA MET A 157 5.00 -14.27 -9.74
C MET A 157 4.86 -14.58 -8.26
N THR A 158 5.74 -15.45 -7.80
CA THR A 158 6.00 -15.73 -6.39
C THR A 158 7.51 -15.68 -6.22
N THR A 159 8.00 -14.96 -5.22
CA THR A 159 9.44 -14.81 -5.09
C THR A 159 10.06 -15.69 -4.03
N SER A 160 9.27 -16.12 -3.04
CA SER A 160 9.73 -17.02 -1.99
C SER A 160 8.55 -17.86 -1.52
N LYS A 161 8.60 -19.18 -1.80
CA LYS A 161 7.56 -20.08 -1.30
C LYS A 161 7.77 -20.38 0.18
N THR A 162 9.01 -20.54 0.61
CA THR A 162 9.24 -20.87 2.01
C THR A 162 9.19 -19.64 2.91
N SER A 163 9.33 -18.45 2.36
CA SER A 163 9.28 -17.24 3.17
C SER A 163 8.12 -16.32 2.78
N LEU A 164 7.10 -16.87 2.12
CA LEU A 164 5.88 -16.17 1.72
C LEU A 164 6.12 -14.75 1.18
N SER A 165 6.65 -14.63 -0.04
CA SER A 165 6.88 -13.31 -0.61
C SER A 165 6.45 -13.31 -2.07
N TRP A 166 5.59 -12.34 -2.42
CA TRP A 166 5.11 -12.14 -3.78
C TRP A 166 4.72 -10.67 -3.93
N ASN A 167 4.32 -10.28 -5.13
CA ASN A 167 4.03 -8.86 -5.30
C ASN A 167 2.70 -8.51 -4.66
N HIS A 168 2.75 -7.52 -3.78
CA HIS A 168 1.57 -6.98 -3.16
C HIS A 168 1.31 -5.54 -3.57
N SER A 169 2.18 -4.93 -4.38
CA SER A 169 2.04 -3.54 -4.75
C SER A 169 0.84 -3.34 -5.66
N LYS A 170 0.22 -2.16 -5.54
CA LYS A 170 -0.97 -1.79 -6.33
C LYS A 170 -0.65 -0.51 -7.10
N LEU A 171 -0.23 -0.64 -8.36
CA LEU A 171 0.22 0.54 -9.11
C LEU A 171 -0.46 0.61 -10.46
N LEU A 172 -0.79 1.85 -10.87
CA LEU A 172 -1.07 2.18 -12.27
C LEU A 172 -0.19 3.36 -12.65
N VAL A 173 0.68 3.15 -13.63
CA VAL A 173 1.63 4.16 -14.09
C VAL A 173 1.45 4.30 -15.59
N VAL A 174 1.27 5.53 -16.06
CA VAL A 174 1.14 5.79 -17.48
C VAL A 174 2.24 6.72 -17.94
N ASP A 175 2.93 6.35 -19.01
CA ASP A 175 4.02 7.12 -19.61
C ASP A 175 5.08 7.51 -18.59
N GLY A 176 5.16 6.79 -17.45
CA GLY A 176 5.96 7.27 -16.33
C GLY A 176 5.65 8.71 -15.92
N LYS A 177 4.46 9.20 -16.29
CA LYS A 177 4.03 10.56 -15.99
C LYS A 177 2.93 10.65 -14.93
N THR A 178 2.01 9.69 -14.88
CA THR A 178 0.94 9.67 -13.89
C THR A 178 0.99 8.36 -13.13
N ALA A 179 0.70 8.41 -11.84
CA ALA A 179 0.66 7.19 -11.06
C ALA A 179 -0.56 7.20 -10.16
N ILE A 180 -1.27 6.09 -10.12
CA ILE A 180 -2.30 5.82 -9.12
C ILE A 180 -1.79 4.68 -8.25
N THR A 181 -1.93 4.83 -6.93
CA THR A 181 -1.49 3.77 -6.02
C THR A 181 -2.27 3.85 -4.71
N GLY A 182 -2.19 2.79 -3.92
CA GLY A 182 -2.95 2.69 -2.70
C GLY A 182 -3.18 1.23 -2.32
N GLY A 183 -4.25 0.98 -1.60
CA GLY A 183 -4.51 -0.37 -1.15
C GLY A 183 -5.44 -1.17 -2.04
N ILE A 184 -5.91 -0.59 -3.15
CA ILE A 184 -7.02 -1.15 -3.90
C ILE A 184 -6.48 -2.16 -4.89
N ASN A 185 -6.77 -3.44 -4.63
CA ASN A 185 -6.47 -4.51 -5.59
C ASN A 185 -7.49 -4.49 -6.74
N THR A 186 -7.03 -4.88 -7.92
CA THR A 186 -7.91 -4.83 -9.09
C THR A 186 -8.88 -6.01 -9.10
N ASN A 187 -9.66 -6.14 -8.02
CA ASN A 187 -10.50 -7.32 -7.75
C ASN A 187 -11.95 -6.87 -7.67
N LYS A 188 -12.79 -7.40 -8.55
CA LYS A 188 -14.16 -6.91 -8.64
C LYS A 188 -15.03 -7.40 -7.49
N ASP A 189 -14.65 -8.51 -6.86
CA ASP A 189 -15.51 -9.09 -5.83
C ASP A 189 -15.33 -8.40 -4.49
N ASP A 190 -14.16 -7.81 -4.23
CA ASP A 190 -13.96 -7.03 -3.02
C ASP A 190 -14.56 -5.63 -3.13
N TYR A 191 -14.57 -5.03 -4.32
CA TYR A 191 -14.89 -3.60 -4.41
C TYR A 191 -16.12 -3.27 -5.22
N LEU A 192 -16.45 -4.08 -6.23
CA LEU A 192 -17.46 -3.65 -7.19
C LEU A 192 -18.76 -4.40 -6.94
N ASP A 193 -18.79 -5.68 -7.28
CA ASP A 193 -19.99 -6.50 -7.22
C ASP A 193 -20.26 -7.01 -5.81
N THR A 194 -20.41 -6.07 -4.88
CA THR A 194 -20.62 -6.40 -3.47
C THR A 194 -21.70 -5.50 -2.86
N ALA A 195 -22.55 -6.10 -2.05
CA ALA A 195 -23.39 -5.33 -1.14
C ALA A 195 -22.65 -4.95 0.14
N HIS A 196 -21.44 -5.46 0.33
CA HIS A 196 -20.60 -5.10 1.48
C HIS A 196 -19.19 -4.77 1.00
N PRO A 197 -19.05 -3.74 0.18
CA PRO A 197 -17.74 -3.48 -0.44
C PRO A 197 -16.72 -3.05 0.59
N VAL A 198 -15.47 -3.42 0.32
CA VAL A 198 -14.38 -3.09 1.22
C VAL A 198 -14.08 -1.61 1.15
N SER A 199 -13.78 -1.03 2.32
CA SER A 199 -13.38 0.37 2.44
C SER A 199 -11.89 0.48 2.15
N ASP A 200 -11.52 1.28 1.14
CA ASP A 200 -10.13 1.36 0.72
C ASP A 200 -9.87 2.74 0.11
N VAL A 201 -8.58 3.04 -0.11
CA VAL A 201 -8.22 4.36 -0.62
C VAL A 201 -6.98 4.27 -1.50
N ASP A 202 -7.01 4.95 -2.63
CA ASP A 202 -5.88 5.16 -3.52
C ASP A 202 -5.56 6.64 -3.59
N MET A 203 -4.42 6.98 -4.20
CA MET A 203 -4.15 8.37 -4.51
C MET A 203 -3.59 8.49 -5.92
N ALA A 204 -3.83 9.63 -6.57
CA ALA A 204 -3.41 9.85 -7.95
C ALA A 204 -2.54 11.10 -8.01
N LEU A 205 -1.43 11.01 -8.72
CA LEU A 205 -0.60 12.19 -8.89
C LEU A 205 0.13 12.09 -10.23
N SER A 206 0.91 13.13 -10.55
CA SER A 206 1.71 13.18 -11.76
C SER A 206 3.03 13.86 -11.42
N GLY A 207 4.00 13.70 -12.31
CA GLY A 207 5.28 14.34 -12.13
C GLY A 207 6.41 13.36 -11.88
N PRO A 208 7.53 13.87 -11.37
CA PRO A 208 8.72 13.02 -11.20
C PRO A 208 8.46 11.79 -10.35
N ALA A 209 7.53 11.83 -9.42
CA ALA A 209 7.34 10.67 -8.55
C ALA A 209 6.60 9.54 -9.28
N ALA A 210 5.92 9.86 -10.38
CA ALA A 210 5.36 8.81 -11.23
C ALA A 210 6.47 8.01 -11.89
N ARG A 211 7.54 8.69 -12.31
CA ARG A 211 8.69 7.95 -12.83
C ARG A 211 9.32 7.07 -11.75
N SER A 212 9.33 7.54 -10.50
CA SER A 212 9.87 6.73 -9.41
C SER A 212 9.08 5.43 -9.22
N ALA A 213 7.75 5.51 -9.26
CA ALA A 213 6.96 4.29 -9.32
C ALA A 213 7.28 3.48 -10.56
N GLY A 214 7.61 4.15 -11.67
CA GLY A 214 8.05 3.43 -12.86
C GLY A 214 9.34 2.65 -12.61
N LYS A 215 10.33 3.29 -11.98
CA LYS A 215 11.57 2.59 -11.70
C LYS A 215 11.36 1.43 -10.73
N TYR A 216 10.46 1.60 -9.76
CA TYR A 216 10.18 0.48 -8.87
C TYR A 216 9.62 -0.70 -9.66
N LEU A 217 8.75 -0.42 -10.63
CA LEU A 217 8.22 -1.51 -11.44
C LEU A 217 9.29 -2.11 -12.36
N ASP A 218 10.26 -1.31 -12.81
CA ASP A 218 11.38 -1.87 -13.56
C ASP A 218 12.19 -2.82 -12.70
N THR A 219 12.34 -2.52 -11.41
CA THR A 219 13.07 -3.43 -10.54
C THR A 219 12.32 -4.75 -10.40
N LEU A 220 11.00 -4.71 -10.20
CA LEU A 220 10.24 -5.95 -10.14
C LEU A 220 10.30 -6.70 -11.47
N TRP A 221 10.25 -5.98 -12.58
CA TRP A 221 10.23 -6.68 -13.87
C TRP A 221 11.62 -7.14 -14.32
N ASP A 222 12.68 -6.53 -13.82
CA ASP A 222 13.99 -7.10 -14.08
C ASP A 222 14.14 -8.45 -13.37
N TRP A 223 13.67 -8.55 -12.14
CA TRP A 223 13.63 -9.86 -11.51
C TRP A 223 12.70 -10.79 -12.27
N THR A 224 11.53 -10.29 -12.68
CA THR A 224 10.49 -11.17 -13.18
C THR A 224 10.84 -11.72 -14.57
N CYS A 225 11.23 -10.86 -15.49
CA CYS A 225 11.74 -11.33 -16.78
C CYS A 225 12.83 -12.37 -16.61
N ARG A 226 13.76 -12.11 -15.70
CA ARG A 226 14.91 -13.00 -15.54
C ARG A 226 14.49 -14.34 -14.93
N ASN A 227 13.64 -14.31 -13.92
CA ASN A 227 13.23 -15.57 -13.31
C ASN A 227 12.09 -16.27 -14.06
N ALA A 228 11.70 -15.76 -15.24
CA ALA A 228 10.76 -16.50 -16.08
C ALA A 228 11.29 -17.87 -16.49
N SER A 229 12.58 -18.13 -16.29
CA SER A 229 13.21 -19.42 -16.53
C SER A 229 12.90 -20.43 -15.44
N ASP A 230 12.38 -19.98 -14.30
CA ASP A 230 11.97 -20.88 -13.23
C ASP A 230 10.45 -20.82 -13.15
N PRO A 231 9.74 -21.69 -13.87
CA PRO A 231 8.28 -21.51 -14.02
C PRO A 231 7.50 -21.76 -12.74
N ALA A 232 8.10 -22.39 -11.73
CA ALA A 232 7.48 -22.45 -10.41
C ALA A 232 7.42 -21.09 -9.73
N LYS A 233 8.27 -20.15 -10.16
CA LYS A 233 8.29 -18.82 -9.61
C LYS A 233 7.56 -17.80 -10.48
N VAL A 234 7.54 -17.99 -11.80
CA VAL A 234 7.03 -16.98 -12.73
C VAL A 234 6.26 -17.67 -13.85
N TRP A 235 5.10 -17.10 -14.19
CA TRP A 235 4.38 -17.48 -15.40
C TRP A 235 4.27 -16.24 -16.27
N LEU A 236 4.83 -16.32 -17.47
CA LEU A 236 5.02 -15.15 -18.33
C LEU A 236 4.34 -15.36 -19.68
N ALA A 237 3.58 -14.35 -20.12
CA ALA A 237 2.94 -14.37 -21.44
C ALA A 237 3.05 -13.01 -22.09
N THR A 238 3.62 -12.95 -23.29
CA THR A 238 3.63 -11.75 -24.09
C THR A 238 2.70 -11.95 -25.29
N SER A 239 2.41 -10.84 -25.98
CA SER A 239 1.59 -10.81 -27.17
C SER A 239 2.45 -10.46 -28.37
N ASN A 240 1.85 -10.57 -29.56
CA ASN A 240 2.54 -10.27 -30.83
C ASN A 240 3.99 -10.76 -30.85
N GLY A 241 4.24 -11.95 -30.29
CA GLY A 241 5.59 -12.50 -30.21
C GLY A 241 6.63 -11.52 -29.69
N ALA A 242 6.35 -10.82 -28.59
CA ALA A 242 7.21 -9.75 -28.12
C ALA A 242 8.15 -10.23 -27.02
N SER A 243 9.27 -9.51 -26.87
CA SER A 243 10.20 -9.77 -25.77
C SER A 243 9.55 -9.45 -24.43
N CYS A 244 10.09 -10.04 -23.38
CA CYS A 244 9.91 -9.48 -22.05
C CYS A 244 10.58 -8.11 -22.01
N MET A 245 9.93 -7.17 -21.31
CA MET A 245 10.38 -5.77 -21.30
C MET A 245 10.77 -5.37 -19.89
N PRO A 246 11.93 -5.81 -19.40
CA PRO A 246 12.26 -5.55 -17.99
C PRO A 246 12.62 -4.12 -17.70
N SER A 247 12.84 -3.28 -18.71
CA SER A 247 13.26 -1.89 -18.51
C SER A 247 12.34 -0.90 -19.23
N MET A 248 11.04 -1.23 -19.32
CA MET A 248 10.10 -0.39 -20.08
C MET A 248 10.08 1.04 -19.55
N GLU A 249 10.07 1.21 -18.23
CA GLU A 249 10.01 2.57 -17.73
C GLU A 249 11.31 3.31 -18.00
N GLN A 250 12.45 2.63 -17.86
CA GLN A 250 13.72 3.29 -18.14
C GLN A 250 13.83 3.64 -19.62
N ASP A 251 13.50 2.70 -20.51
CA ASP A 251 13.53 2.98 -21.95
C ASP A 251 12.69 4.19 -22.27
N GLU A 252 11.53 4.33 -21.61
CA GLU A 252 10.62 5.41 -21.92
C GLU A 252 11.13 6.74 -21.37
N ALA A 253 11.68 6.74 -20.15
CA ALA A 253 12.18 7.98 -19.58
C ALA A 253 13.34 8.56 -20.38
N GLY A 254 14.09 7.70 -21.05
CA GLY A 254 15.23 8.20 -21.80
C GLY A 254 16.18 8.99 -20.91
N SER A 255 16.78 10.02 -21.49
CA SER A 255 17.77 10.81 -20.77
C SER A 255 17.21 12.07 -20.13
N ALA A 256 16.03 12.53 -20.55
CA ALA A 256 15.46 13.76 -20.01
C ALA A 256 15.09 13.56 -18.55
N PRO A 257 15.39 14.51 -17.67
CA PRO A 257 14.88 14.40 -16.29
C PRO A 257 13.36 14.56 -16.31
N ALA A 258 12.73 14.06 -15.26
CA ALA A 258 11.28 14.17 -15.18
C ALA A 258 10.88 15.63 -15.09
N GLU A 259 9.71 15.94 -15.64
CA GLU A 259 9.36 17.36 -15.61
C GLU A 259 8.38 17.64 -14.48
N PRO A 260 8.56 18.79 -13.81
CA PRO A 260 7.62 19.17 -12.75
C PRO A 260 6.22 19.35 -13.29
N THR A 261 5.24 19.13 -12.43
CA THR A 261 3.86 19.42 -12.77
C THR A 261 3.14 20.16 -11.66
N GLY A 262 3.80 20.39 -10.53
CA GLY A 262 3.17 21.01 -9.39
C GLY A 262 4.26 21.40 -8.41
N ASP A 263 3.86 21.63 -7.16
CA ASP A 263 4.82 22.01 -6.12
C ASP A 263 4.84 21.06 -4.93
N VAL A 264 4.62 19.76 -5.13
CA VAL A 264 4.44 18.83 -4.01
C VAL A 264 5.70 17.98 -3.85
N PRO A 265 6.32 17.96 -2.68
CA PRO A 265 7.45 17.04 -2.44
C PRO A 265 6.99 15.66 -1.98
N VAL A 266 7.54 14.60 -2.57
CA VAL A 266 7.11 13.24 -2.28
C VAL A 266 8.33 12.34 -2.11
N ILE A 267 8.26 11.41 -1.17
CA ILE A 267 9.15 10.24 -1.17
C ILE A 267 8.37 9.04 -1.71
N ALA A 268 8.82 8.48 -2.83
CA ALA A 268 8.35 7.16 -3.24
C ALA A 268 9.21 6.09 -2.57
N VAL A 269 8.58 5.01 -2.13
CA VAL A 269 9.31 4.00 -1.36
C VAL A 269 8.61 2.66 -1.48
N GLY A 270 9.40 1.61 -1.69
CA GLY A 270 8.89 0.26 -1.71
C GLY A 270 9.77 -0.80 -1.05
N GLY A 271 9.48 -2.06 -1.33
CA GLY A 271 10.31 -3.15 -0.84
C GLY A 271 10.38 -4.26 -1.86
N LEU A 272 11.52 -4.97 -1.85
CA LEU A 272 11.75 -6.13 -2.71
C LEU A 272 11.39 -7.44 -2.03
N GLY A 273 10.80 -7.40 -0.83
CA GLY A 273 10.32 -8.63 -0.20
C GLY A 273 11.44 -9.59 0.19
N VAL A 274 11.21 -10.88 -0.07
CA VAL A 274 12.21 -11.93 0.06
C VAL A 274 12.33 -12.62 -1.28
N GLY A 275 13.57 -12.96 -1.68
CA GLY A 275 13.81 -13.77 -2.84
C GLY A 275 14.22 -13.03 -4.10
N ILE A 276 14.33 -11.70 -4.05
CA ILE A 276 14.70 -10.88 -5.21
C ILE A 276 16.15 -10.48 -5.09
N LYS A 277 16.49 -9.72 -4.06
CA LYS A 277 17.84 -9.25 -3.81
C LYS A 277 18.13 -9.50 -2.34
N GLU A 278 19.28 -10.10 -2.06
CA GLU A 278 19.54 -10.60 -0.71
C GLU A 278 19.82 -9.48 0.26
N SER A 279 20.57 -8.47 -0.18
CA SER A 279 20.91 -7.34 0.67
C SER A 279 21.30 -6.19 -0.22
N ASP A 280 21.39 -4.99 0.37
CA ASP A 280 21.87 -3.82 -0.37
C ASP A 280 23.38 -3.73 -0.20
N PRO A 281 24.16 -4.20 -1.17
CA PRO A 281 25.61 -4.31 -0.94
C PRO A 281 26.26 -2.98 -0.63
N SER A 282 25.61 -1.89 -1.03
CA SER A 282 26.10 -0.53 -0.78
C SER A 282 25.73 -0.01 0.61
N SER A 283 25.10 -0.83 1.46
CA SER A 283 24.52 -0.35 2.71
C SER A 283 25.42 -0.61 3.91
N GLY A 284 25.53 0.39 4.77
CA GLY A 284 26.23 0.25 6.03
C GLY A 284 25.27 0.29 7.19
N TYR A 285 24.01 -0.04 6.92
CA TYR A 285 23.00 -0.14 7.95
C TYR A 285 23.35 -1.27 8.92
N HIS A 286 23.32 -0.96 10.23
CA HIS A 286 23.71 -1.94 11.25
C HIS A 286 22.93 -1.73 12.55
N PRO A 287 21.62 -1.91 12.54
CA PRO A 287 20.81 -1.50 13.70
C PRO A 287 21.05 -2.39 14.90
N ASP A 288 20.65 -1.87 16.07
CA ASP A 288 20.51 -2.67 17.30
C ASP A 288 19.05 -3.12 17.36
N LEU A 289 18.82 -4.38 17.04
CA LEU A 289 17.48 -4.89 16.80
C LEU A 289 16.75 -5.21 18.12
N PRO A 290 15.39 -5.24 18.10
CA PRO A 290 14.66 -5.36 19.37
C PRO A 290 15.03 -6.63 20.10
N THR A 291 15.78 -6.46 21.19
CA THR A 291 16.44 -7.58 21.85
C THR A 291 15.45 -8.54 22.50
N ALA A 292 14.26 -8.06 22.87
CA ALA A 292 13.27 -8.89 23.56
C ALA A 292 11.95 -8.93 22.78
N PRO A 293 11.64 -10.03 22.09
CA PRO A 293 10.29 -10.21 21.54
C PRO A 293 9.31 -10.76 22.57
N ASP A 294 8.04 -10.84 22.13
CA ASP A 294 6.91 -11.01 23.03
C ASP A 294 6.71 -12.46 23.44
N THR A 295 6.05 -12.63 24.59
CA THR A 295 5.77 -13.97 25.09
C THR A 295 4.70 -14.67 24.26
N LYS A 296 3.60 -13.95 23.96
CA LYS A 296 2.35 -14.59 23.54
C LYS A 296 2.50 -15.38 22.23
N CYS A 297 3.57 -15.21 21.47
CA CYS A 297 3.73 -16.02 20.26
C CYS A 297 5.19 -16.10 19.84
N THR A 298 5.55 -17.24 19.25
CA THR A 298 6.90 -17.50 18.75
C THR A 298 6.84 -17.80 17.25
N VAL A 299 7.68 -17.10 16.48
CA VAL A 299 7.66 -17.24 15.03
C VAL A 299 8.02 -18.67 14.65
N GLY A 300 7.41 -19.15 13.57
CA GLY A 300 7.84 -20.40 12.97
C GLY A 300 8.97 -20.14 12.00
N LEU A 301 8.66 -19.41 10.94
CA LEU A 301 9.65 -18.95 9.99
C LEU A 301 10.69 -18.04 10.67
N HIS A 302 11.80 -17.84 9.98
CA HIS A 302 12.79 -16.86 10.41
C HIS A 302 12.19 -15.46 10.31
N ASP A 303 12.33 -14.65 11.37
CA ASP A 303 11.55 -13.41 11.56
C ASP A 303 12.24 -12.23 10.87
N ASN A 304 11.83 -11.95 9.63
CA ASN A 304 12.44 -10.88 8.84
C ASN A 304 12.08 -9.50 9.34
N THR A 305 10.91 -9.35 9.96
CA THR A 305 10.47 -8.05 10.46
C THR A 305 11.34 -7.57 11.61
N ASN A 306 11.49 -8.41 12.64
CA ASN A 306 12.15 -8.03 13.88
C ASN A 306 13.59 -8.51 14.00
N ALA A 307 14.09 -9.33 13.08
CA ALA A 307 15.36 -10.00 13.32
C ALA A 307 16.15 -10.26 12.04
N ASP A 308 16.27 -9.26 11.16
CA ASP A 308 17.02 -9.44 9.91
C ASP A 308 17.46 -8.08 9.38
N ARG A 309 18.74 -7.76 9.57
CA ARG A 309 19.29 -6.51 9.08
C ARG A 309 19.25 -6.45 7.56
N ASP A 310 19.53 -7.57 6.88
CA ASP A 310 19.56 -7.56 5.41
C ASP A 310 18.19 -7.24 4.83
N TYR A 311 17.16 -7.96 5.28
CA TYR A 311 15.80 -7.70 4.85
C TYR A 311 15.49 -6.20 4.84
N ASP A 312 15.88 -5.49 5.90
CA ASP A 312 15.62 -4.04 5.94
C ASP A 312 16.32 -3.31 4.79
N THR A 313 17.54 -3.73 4.43
CA THR A 313 18.30 -3.03 3.39
C THR A 313 17.62 -3.10 2.04
N VAL A 314 16.90 -4.18 1.76
CA VAL A 314 16.14 -4.29 0.52
C VAL A 314 14.64 -4.09 0.75
N ASN A 315 14.25 -3.63 1.93
CA ASN A 315 12.87 -3.23 2.19
C ASN A 315 12.85 -1.91 2.94
N PRO A 316 13.29 -0.83 2.30
CA PRO A 316 13.26 0.48 2.97
C PRO A 316 11.87 0.96 3.37
N GLU A 317 10.80 0.46 2.76
CA GLU A 317 9.46 0.88 3.18
C GLU A 317 9.23 0.56 4.66
N GLU A 318 9.85 -0.51 5.16
CA GLU A 318 9.69 -0.78 6.57
C GLU A 318 10.17 0.39 7.41
N ASN A 319 11.37 0.90 7.16
CA ASN A 319 11.88 1.96 8.02
C ASN A 319 11.28 3.31 7.65
N ALA A 320 10.67 3.42 6.48
CA ALA A 320 10.02 4.68 6.12
C ALA A 320 8.76 4.87 6.92
N LEU A 321 8.06 3.78 7.21
CA LEU A 321 6.87 3.87 8.06
C LEU A 321 7.25 4.15 9.51
N ARG A 322 8.22 3.40 10.05
CA ARG A 322 8.73 3.68 11.41
C ARG A 322 9.14 5.14 11.55
N SER A 323 9.87 5.66 10.55
CA SER A 323 10.36 7.04 10.64
C SER A 323 9.23 8.05 10.47
N LEU A 324 8.25 7.75 9.61
CA LEU A 324 7.12 8.64 9.48
C LEU A 324 6.45 8.83 10.84
N ILE A 325 6.18 7.72 11.51
CA ILE A 325 5.56 7.77 12.82
C ILE A 325 6.49 8.43 13.84
N ALA A 326 7.77 8.06 13.82
CA ALA A 326 8.69 8.65 14.79
C ALA A 326 8.79 10.16 14.63
N SER A 327 8.47 10.67 13.44
CA SER A 327 8.59 12.10 13.17
C SER A 327 7.39 12.89 13.65
N ALA A 328 6.30 12.22 14.04
CA ALA A 328 5.16 12.91 14.62
C ALA A 328 5.57 13.69 15.87
N ARG A 329 5.29 14.99 15.89
CA ARG A 329 5.54 15.78 17.09
C ARG A 329 4.29 16.10 17.89
N SER A 330 3.10 16.03 17.28
CA SER A 330 1.87 16.38 18.00
C SER A 330 0.86 15.25 17.99
N HIS A 331 0.59 14.64 16.84
CA HIS A 331 -0.43 13.59 16.77
C HIS A 331 -0.19 12.76 15.52
N VAL A 332 -0.59 11.49 15.59
CA VAL A 332 -0.51 10.58 14.44
C VAL A 332 -1.79 9.77 14.35
N GLU A 333 -2.36 9.69 13.15
CA GLU A 333 -3.52 8.84 12.87
C GLU A 333 -3.08 7.66 12.03
N ILE A 334 -3.60 6.48 12.36
CA ILE A 334 -3.20 5.23 11.72
C ILE A 334 -4.47 4.49 11.32
N SER A 335 -4.61 4.21 10.03
CA SER A 335 -5.83 3.59 9.52
C SER A 335 -5.40 2.38 8.69
N GLN A 336 -5.63 1.19 9.24
CA GLN A 336 -5.05 -0.05 8.72
C GLN A 336 -6.11 -1.13 8.68
N GLN A 337 -5.83 -2.18 7.91
CA GLN A 337 -6.57 -3.42 8.11
C GLN A 337 -6.24 -4.04 9.47
N ASP A 338 -4.95 -4.07 9.82
CA ASP A 338 -4.49 -4.63 11.08
C ASP A 338 -3.14 -4.01 11.41
N LEU A 339 -2.83 -3.97 12.69
CA LEU A 339 -1.46 -3.78 13.15
C LEU A 339 -0.78 -5.09 13.49
N ASN A 340 -1.53 -6.18 13.66
CA ASN A 340 -0.96 -7.45 14.07
C ASN A 340 -1.17 -8.51 13.00
N ALA A 341 -0.17 -9.37 12.83
CA ALA A 341 -0.26 -10.48 11.90
C ALA A 341 -0.60 -11.77 12.63
N THR A 342 -1.16 -12.71 11.87
CA THR A 342 -1.49 -14.03 12.38
C THR A 342 -0.22 -14.80 12.75
N CYS A 343 -0.10 -15.19 14.01
CA CYS A 343 1.11 -15.82 14.50
C CYS A 343 0.77 -17.15 15.18
N PRO A 344 1.42 -18.26 14.78
CA PRO A 344 2.31 -18.40 13.62
C PRO A 344 1.51 -18.45 12.32
N PRO A 345 2.19 -18.39 11.15
CA PRO A 345 3.64 -18.38 10.88
C PRO A 345 4.36 -17.07 11.14
N LEU A 346 3.74 -15.95 10.81
CA LEU A 346 4.41 -14.67 10.84
C LEU A 346 4.53 -14.17 12.28
N PRO A 347 5.51 -13.33 12.57
CA PRO A 347 5.56 -12.74 13.92
C PRO A 347 4.26 -12.02 14.21
N ARG A 348 3.96 -11.87 15.51
CA ARG A 348 2.71 -11.23 15.90
C ARG A 348 2.70 -9.77 15.48
N TYR A 349 3.81 -9.05 15.69
CA TYR A 349 3.81 -7.62 15.43
C TYR A 349 5.24 -7.14 15.17
N ASP A 350 5.34 -5.89 14.76
CA ASP A 350 6.62 -5.26 14.44
C ASP A 350 7.06 -4.56 15.70
N ILE A 351 8.10 -5.09 16.36
CA ILE A 351 8.46 -4.56 17.66
C ILE A 351 8.86 -3.09 17.56
N ARG A 352 9.74 -2.74 16.61
CA ARG A 352 10.19 -1.35 16.48
C ARG A 352 9.03 -0.40 16.21
N THR A 353 8.02 -0.86 15.47
CA THR A 353 6.88 0.00 15.22
C THR A 353 6.12 0.28 16.51
N TYR A 354 5.83 -0.76 17.29
CA TYR A 354 5.11 -0.57 18.54
C TYR A 354 5.91 0.26 19.54
N ASP A 355 7.21 0.01 19.66
CA ASP A 355 8.06 0.80 20.55
C ASP A 355 8.09 2.26 20.15
N THR A 356 8.03 2.53 18.84
CA THR A 356 7.95 3.91 18.37
C THR A 356 6.65 4.55 18.83
N LEU A 357 5.53 3.87 18.61
CA LEU A 357 4.25 4.38 19.04
C LEU A 357 4.19 4.52 20.56
N ALA A 358 4.70 3.51 21.28
CA ALA A 358 4.75 3.58 22.74
C ALA A 358 5.51 4.82 23.19
N GLY A 359 6.69 5.03 22.61
CA GLY A 359 7.41 6.28 22.84
C GLY A 359 6.54 7.50 22.62
N LYS A 360 5.77 7.53 21.53
CA LYS A 360 4.91 8.69 21.27
C LYS A 360 3.89 8.87 22.38
N LEU A 361 3.23 7.78 22.79
CA LEU A 361 2.28 7.88 23.88
C LEU A 361 2.94 8.39 25.16
N ALA A 362 4.16 7.94 25.45
CA ALA A 362 4.84 8.41 26.65
C ALA A 362 5.13 9.91 26.56
N ALA A 363 5.35 10.44 25.37
CA ALA A 363 5.72 11.84 25.22
C ALA A 363 4.54 12.81 25.20
N GLY A 364 3.31 12.33 25.20
CA GLY A 364 2.17 13.21 25.03
C GLY A 364 1.66 13.37 23.60
N VAL A 365 2.30 12.75 22.62
CA VAL A 365 1.80 12.80 21.25
C VAL A 365 0.56 11.92 21.14
N LYS A 366 -0.51 12.45 20.54
CA LYS A 366 -1.77 11.72 20.47
C LYS A 366 -1.71 10.67 19.38
N VAL A 367 -2.18 9.45 19.70
CA VAL A 367 -2.13 8.32 18.77
C VAL A 367 -3.54 7.78 18.54
N ARG A 368 -3.97 7.77 17.28
CA ARG A 368 -5.24 7.18 16.89
C ARG A 368 -5.00 5.97 16.00
N ILE A 369 -5.64 4.85 16.35
CA ILE A 369 -5.53 3.63 15.57
C ILE A 369 -6.93 3.13 15.26
N VAL A 370 -7.27 3.09 13.97
CA VAL A 370 -8.50 2.49 13.48
C VAL A 370 -8.10 1.31 12.59
N VAL A 371 -8.42 0.10 13.05
CA VAL A 371 -8.18 -1.11 12.29
C VAL A 371 -9.53 -1.72 11.91
N SER A 372 -9.48 -2.79 11.11
CA SER A 372 -10.69 -3.43 10.63
C SER A 372 -11.35 -4.25 11.75
N ASP A 373 -12.68 -4.30 11.72
CA ASP A 373 -13.44 -4.95 12.78
C ASP A 373 -12.93 -6.37 13.01
N PRO A 374 -12.54 -6.73 14.24
CA PRO A 374 -12.20 -8.13 14.51
C PRO A 374 -13.32 -9.09 14.15
N ALA A 375 -14.57 -8.62 14.05
CA ALA A 375 -15.64 -9.47 13.57
C ALA A 375 -15.36 -10.02 12.17
N ASN A 376 -14.46 -9.38 11.43
CA ASN A 376 -14.09 -9.87 10.11
C ASN A 376 -13.22 -11.12 10.17
N ARG A 377 -12.63 -11.42 11.32
CA ARG A 377 -11.63 -12.49 11.41
C ARG A 377 -12.22 -13.86 11.06
N GLY A 378 -11.38 -14.70 10.44
CA GLY A 378 -11.74 -16.07 10.14
C GLY A 378 -10.93 -17.10 10.93
N ALA A 379 -9.86 -17.62 10.33
CA ALA A 379 -9.01 -18.61 10.99
C ALA A 379 -7.54 -18.18 10.96
N VAL A 380 -6.78 -18.71 9.98
CA VAL A 380 -5.35 -18.44 9.81
C VAL A 380 -5.05 -18.25 8.31
N GLY A 381 -5.59 -17.19 7.71
CA GLY A 381 -5.28 -16.90 6.32
C GLY A 381 -6.34 -16.21 5.47
N SER A 382 -6.89 -16.93 4.49
CA SER A 382 -7.75 -16.37 3.44
C SER A 382 -9.22 -16.54 3.85
N GLY A 383 -9.82 -15.46 4.35
CA GLY A 383 -11.21 -15.52 4.76
C GLY A 383 -11.51 -14.57 5.91
N GLY A 384 -10.48 -14.10 6.60
CA GLY A 384 -10.65 -13.16 7.69
C GLY A 384 -9.92 -11.85 7.51
N ARG A 385 -10.65 -10.77 7.24
CA ARG A 385 -10.04 -9.43 7.11
C ARG A 385 -9.71 -8.80 8.47
N SER A 386 -9.25 -9.62 9.42
CA SER A 386 -8.77 -9.14 10.71
C SER A 386 -7.92 -10.25 11.30
N GLN A 387 -6.67 -9.94 11.65
CA GLN A 387 -5.77 -10.93 12.21
C GLN A 387 -5.78 -10.89 13.73
N ILE A 388 -6.76 -10.20 14.31
CA ILE A 388 -6.85 -9.96 15.73
C ILE A 388 -8.17 -10.55 16.21
N LYS A 389 -8.20 -10.96 17.48
CA LYS A 389 -9.44 -11.42 18.10
C LYS A 389 -10.11 -10.33 18.92
N SER A 390 -9.40 -9.26 19.26
CA SER A 390 -9.91 -8.18 20.08
C SER A 390 -8.95 -7.01 19.99
N LEU A 391 -9.50 -5.79 20.02
CA LEU A 391 -8.64 -4.60 20.02
C LEU A 391 -7.72 -4.56 21.22
N ASP A 392 -8.07 -5.27 22.30
CA ASP A 392 -7.18 -5.39 23.46
C ASP A 392 -5.79 -5.90 23.07
N GLU A 393 -5.71 -6.75 22.04
CA GLU A 393 -4.40 -7.23 21.61
C GLU A 393 -3.52 -6.12 21.07
N ILE A 394 -4.10 -4.97 20.67
CA ILE A 394 -3.28 -3.82 20.30
C ILE A 394 -2.89 -3.02 21.53
N SER A 395 -3.88 -2.64 22.34
CA SER A 395 -3.60 -1.77 23.48
C SER A 395 -2.80 -2.51 24.56
N ASP A 396 -3.03 -3.82 24.74
CA ASP A 396 -2.18 -4.58 25.66
C ASP A 396 -0.73 -4.52 25.24
N THR A 397 -0.46 -4.64 23.94
CA THR A 397 0.91 -4.63 23.47
C THR A 397 1.55 -3.26 23.66
N LEU A 398 0.78 -2.19 23.48
CA LEU A 398 1.29 -0.87 23.81
C LEU A 398 1.60 -0.75 25.29
N ARG A 399 0.89 -1.50 26.14
CA ARG A 399 1.19 -1.50 27.58
C ARG A 399 2.53 -2.18 27.86
N THR A 400 2.67 -3.43 27.42
CA THR A 400 3.94 -4.13 27.58
C THR A 400 5.12 -3.31 27.08
N ARG A 401 4.97 -2.60 25.96
CA ARG A 401 6.11 -1.84 25.45
C ARG A 401 6.31 -0.56 26.22
N LEU A 402 5.22 0.06 26.68
CA LEU A 402 5.32 1.24 27.52
C LEU A 402 5.98 0.90 28.85
N VAL A 403 5.59 -0.22 29.47
CA VAL A 403 6.22 -0.66 30.71
C VAL A 403 7.69 -0.97 30.45
N ALA A 404 7.98 -1.78 29.43
CA ALA A 404 9.36 -2.03 29.00
C ALA A 404 10.12 -0.76 28.66
N LEU A 405 9.45 0.38 28.60
CA LEU A 405 10.07 1.68 28.38
C LEU A 405 10.21 2.46 29.69
N THR A 406 9.12 2.62 30.43
CA THR A 406 9.13 3.43 31.64
C THR A 406 9.40 2.63 32.91
N GLY A 407 9.45 1.30 32.84
CA GLY A 407 9.58 0.46 34.02
C GLY A 407 8.34 0.52 34.89
N ASP A 408 8.08 1.70 35.43
CA ASP A 408 6.82 1.99 36.08
C ASP A 408 5.65 1.52 35.21
N ASN A 409 4.60 1.01 35.87
CA ASN A 409 3.34 0.79 35.16
C ASN A 409 2.39 1.97 35.27
N GLU A 410 2.60 2.86 36.24
CA GLU A 410 1.75 4.04 36.36
C GLU A 410 2.11 5.08 35.31
N LYS A 411 3.38 5.19 34.97
CA LYS A 411 3.74 5.96 33.79
C LYS A 411 3.10 5.37 32.55
N ALA A 412 3.02 4.04 32.49
CA ALA A 412 2.47 3.36 31.32
C ALA A 412 1.00 3.70 31.13
N SER A 413 0.18 3.42 32.14
CA SER A 413 -1.25 3.67 32.03
C SER A 413 -1.56 5.16 31.86
N ARG A 414 -0.69 6.04 32.35
CA ARG A 414 -0.91 7.46 32.09
C ARG A 414 -0.67 7.79 30.62
N ALA A 415 0.41 7.25 30.05
CA ALA A 415 0.70 7.44 28.63
C ALA A 415 -0.40 6.83 27.78
N LEU A 416 -0.75 5.57 28.07
CA LEU A 416 -1.67 4.83 27.24
C LEU A 416 -3.09 5.42 27.31
N CYS A 417 -3.66 5.48 28.52
CA CYS A 417 -5.05 5.93 28.70
C CYS A 417 -5.25 7.40 28.38
N GLY A 418 -4.20 8.22 28.53
CA GLY A 418 -4.31 9.64 28.21
C GLY A 418 -4.19 9.99 26.74
N ASN A 419 -3.53 9.15 25.93
CA ASN A 419 -3.18 9.59 24.58
C ASN A 419 -3.60 8.64 23.46
N LEU A 420 -4.11 7.45 23.76
CA LEU A 420 -4.44 6.48 22.73
C LEU A 420 -5.93 6.51 22.43
N GLN A 421 -6.27 6.61 21.15
CA GLN A 421 -7.59 6.27 20.63
C GLN A 421 -7.47 5.01 19.80
N LEU A 422 -8.32 4.03 20.08
CA LEU A 422 -8.28 2.73 19.43
C LEU A 422 -9.70 2.32 19.12
N ALA A 423 -9.96 1.95 17.86
CA ALA A 423 -11.32 1.62 17.47
C ALA A 423 -11.29 0.66 16.29
N SER A 424 -12.44 0.08 16.01
CA SER A 424 -12.63 -0.64 14.77
C SER A 424 -13.40 0.25 13.79
N PHE A 425 -13.14 0.05 12.52
CA PHE A 425 -13.61 0.96 11.48
C PHE A 425 -15.12 0.90 11.36
N ARG A 426 -15.74 2.09 11.27
CA ARG A 426 -17.13 2.21 10.89
C ARG A 426 -17.23 3.32 9.86
N SER A 427 -18.09 3.14 8.84
CA SER A 427 -18.28 4.19 7.85
C SER A 427 -19.64 4.88 7.94
N SER A 428 -20.55 4.39 8.77
CA SER A 428 -21.80 5.10 9.03
C SER A 428 -22.19 4.86 10.48
N ASP A 429 -23.42 5.25 10.83
CA ASP A 429 -23.89 5.04 12.20
C ASP A 429 -24.06 3.56 12.49
N ALA A 430 -24.58 2.81 11.52
CA ALA A 430 -24.83 1.38 11.71
C ALA A 430 -23.53 0.63 11.97
N ALA A 431 -23.61 -0.39 12.83
CA ALA A 431 -22.42 -1.13 13.20
C ALA A 431 -21.92 -2.04 12.09
N LYS A 432 -22.80 -2.44 11.17
CA LYS A 432 -22.43 -3.31 10.07
C LYS A 432 -23.16 -2.84 8.82
N TRP A 433 -22.74 -3.33 7.67
CA TRP A 433 -23.44 -3.02 6.43
C TRP A 433 -24.91 -3.39 6.57
N ALA A 434 -25.73 -2.83 5.67
CA ALA A 434 -27.16 -3.14 5.66
C ALA A 434 -27.40 -4.63 5.44
N ASP A 435 -26.49 -5.33 4.78
CA ASP A 435 -26.70 -6.75 4.53
C ASP A 435 -26.08 -7.63 5.61
N GLY A 436 -25.69 -7.04 6.73
CA GLY A 436 -25.32 -7.78 7.91
C GLY A 436 -23.84 -8.01 8.07
N LYS A 437 -23.08 -7.90 7.00
CA LYS A 437 -21.65 -8.15 7.10
C LYS A 437 -20.96 -6.95 7.74
N PRO A 438 -19.86 -7.17 8.45
CA PRO A 438 -19.15 -6.06 9.08
C PRO A 438 -18.38 -5.24 8.07
N TYR A 439 -18.05 -4.01 8.49
CA TYR A 439 -17.18 -3.17 7.68
C TYR A 439 -15.79 -3.77 7.63
N ALA A 440 -15.29 -4.02 6.42
CA ALA A 440 -13.91 -4.43 6.22
C ALA A 440 -13.11 -3.22 5.76
N LEU A 441 -12.07 -2.88 6.50
CA LEU A 441 -11.20 -1.74 6.21
C LEU A 441 -9.88 -2.23 5.63
N HIS A 442 -9.54 -1.78 4.42
CA HIS A 442 -8.31 -2.21 3.76
C HIS A 442 -7.29 -1.09 3.61
N HIS A 443 -7.49 0.05 4.29
CA HIS A 443 -6.53 1.16 4.27
C HIS A 443 -5.12 0.69 4.60
N LYS A 444 -4.14 1.37 4.01
CA LYS A 444 -2.74 1.30 4.42
C LYS A 444 -2.30 2.75 4.51
N LEU A 445 -2.74 3.42 5.58
CA LEU A 445 -2.70 4.88 5.69
C LEU A 445 -2.10 5.29 7.02
N VAL A 446 -1.14 6.22 6.96
CA VAL A 446 -0.57 6.84 8.14
C VAL A 446 -0.47 8.33 7.86
N SER A 447 -1.00 9.14 8.78
CA SER A 447 -0.92 10.59 8.66
C SER A 447 -0.37 11.14 9.98
N VAL A 448 0.41 12.22 9.86
CA VAL A 448 1.23 12.72 10.97
C VAL A 448 1.18 14.24 10.98
N ASP A 449 0.78 14.82 12.12
CA ASP A 449 0.80 16.27 12.35
C ASP A 449 0.04 17.06 11.28
N ASP A 450 -0.91 16.43 10.58
CA ASP A 450 -1.61 17.09 9.47
C ASP A 450 -0.65 17.75 8.50
N SER A 451 0.45 17.05 8.18
CA SER A 451 1.52 17.59 7.35
C SER A 451 2.05 16.55 6.37
N ALA A 452 2.32 15.35 6.88
CA ALA A 452 2.91 14.28 6.10
C ALA A 452 2.04 13.03 6.26
N PHE A 453 1.88 12.30 5.16
CA PHE A 453 1.06 11.10 5.21
C PHE A 453 1.57 10.11 4.17
N TYR A 454 1.28 8.83 4.45
CA TYR A 454 1.59 7.72 3.55
C TYR A 454 0.29 7.16 3.01
N ILE A 455 0.21 6.97 1.68
CA ILE A 455 -0.84 6.16 1.07
C ILE A 455 -0.17 5.15 0.15
N GLY A 456 -0.44 3.86 0.36
CA GLY A 456 0.25 2.86 -0.40
C GLY A 456 -0.31 1.47 -0.13
N SER A 457 0.54 0.46 -0.37
CA SER A 457 0.12 -0.92 -0.22
C SER A 457 0.76 -1.63 0.97
N LYS A 458 1.71 -1.01 1.67
CA LYS A 458 2.41 -1.66 2.77
C LYS A 458 1.59 -1.58 4.06
N ASN A 459 1.08 -2.71 4.51
CA ASN A 459 0.47 -2.77 5.84
C ASN A 459 1.52 -2.58 6.93
N LEU A 460 1.02 -2.15 8.10
CA LEU A 460 1.87 -2.00 9.27
C LEU A 460 2.11 -3.34 9.98
N TYR A 461 1.15 -4.26 9.90
CA TYR A 461 1.36 -5.58 10.44
C TYR A 461 2.42 -6.31 9.62
N PRO A 462 3.19 -7.19 10.25
CA PRO A 462 4.26 -7.90 9.53
C PRO A 462 3.76 -8.60 8.28
N ALA A 463 4.50 -8.42 7.18
CA ALA A 463 4.30 -9.07 5.90
C ALA A 463 5.56 -8.84 5.08
N TRP A 464 6.00 -9.86 4.34
CA TRP A 464 7.29 -9.83 3.67
C TRP A 464 7.15 -9.72 2.15
N LEU A 465 6.12 -9.03 1.69
CA LEU A 465 5.84 -8.96 0.27
C LEU A 465 6.59 -7.81 -0.39
N GLN A 466 6.48 -7.70 -1.71
CA GLN A 466 6.86 -6.49 -2.40
C GLN A 466 5.71 -5.50 -2.31
N ASP A 467 6.00 -4.27 -1.91
CA ASP A 467 4.96 -3.26 -1.73
C ASP A 467 5.51 -1.91 -2.14
N PHE A 468 4.62 -0.92 -2.27
CA PHE A 468 5.03 0.40 -2.70
C PHE A 468 4.01 1.42 -2.23
N GLY A 469 4.46 2.65 -2.04
CA GLY A 469 3.54 3.75 -1.77
C GLY A 469 4.26 5.08 -1.81
N TYR A 470 3.47 6.14 -1.60
CA TYR A 470 3.96 7.52 -1.58
C TYR A 470 3.80 8.14 -0.20
N ILE A 471 4.84 8.86 0.24
CA ILE A 471 4.78 9.67 1.45
C ILE A 471 4.82 11.13 1.02
N VAL A 472 3.74 11.85 1.31
CA VAL A 472 3.54 13.22 0.86
C VAL A 472 3.65 14.14 2.07
N GLU A 473 4.40 15.23 1.93
CA GLU A 473 4.39 16.29 2.93
C GLU A 473 3.75 17.53 2.32
N SER A 474 2.60 17.90 2.84
CA SER A 474 1.84 19.04 2.34
C SER A 474 0.70 19.38 3.29
N PRO A 475 0.82 20.46 4.08
CA PRO A 475 -0.28 20.86 4.96
C PRO A 475 -1.59 21.01 4.25
N ALA A 476 -1.57 21.60 3.05
CA ALA A 476 -2.79 21.73 2.27
C ALA A 476 -3.36 20.37 1.96
N ALA A 477 -2.51 19.44 1.50
CA ALA A 477 -3.01 18.11 1.14
C ALA A 477 -3.42 17.32 2.36
N ALA A 478 -2.65 17.40 3.45
CA ALA A 478 -3.03 16.68 4.65
C ALA A 478 -4.33 17.22 5.22
N GLN A 479 -4.63 18.50 4.97
CA GLN A 479 -5.92 19.05 5.35
C GLN A 479 -7.03 18.46 4.50
N GLN A 480 -6.77 18.24 3.20
CA GLN A 480 -7.72 17.53 2.34
C GLN A 480 -7.93 16.09 2.81
N LEU A 481 -6.83 15.40 3.14
CA LEU A 481 -6.94 14.07 3.76
C LEU A 481 -7.76 14.10 5.05
N LYS A 482 -7.48 15.06 5.92
CA LYS A 482 -8.20 15.12 7.19
C LYS A 482 -9.69 15.29 6.98
N THR A 483 -10.07 16.10 6.01
CA THR A 483 -11.47 16.43 5.79
C THR A 483 -12.23 15.28 5.13
N GLU A 484 -11.60 14.62 4.15
CA GLU A 484 -12.31 13.64 3.32
C GLU A 484 -12.27 12.24 3.89
N LEU A 485 -11.33 11.95 4.79
CA LEU A 485 -11.15 10.58 5.20
C LEU A 485 -11.07 10.45 6.72
N LEU A 486 -10.13 11.15 7.35
CA LEU A 486 -9.82 10.91 8.76
C LEU A 486 -10.95 11.37 9.68
N ASP A 487 -11.35 12.65 9.60
CA ASP A 487 -12.44 13.10 10.45
C ASP A 487 -13.72 12.28 10.26
N PRO A 488 -14.23 12.08 9.04
CA PRO A 488 -15.35 11.13 8.86
C PRO A 488 -15.12 9.78 9.51
N GLU A 489 -13.95 9.17 9.24
CA GLU A 489 -13.64 7.88 9.81
C GLU A 489 -13.86 7.88 11.31
N TRP A 490 -13.34 8.88 12.01
CA TRP A 490 -13.51 8.93 13.46
C TRP A 490 -14.94 9.25 13.85
N LYS A 491 -15.63 10.09 13.07
CA LYS A 491 -17.02 10.43 13.38
C LYS A 491 -17.86 9.19 13.54
N TYR A 492 -17.70 8.20 12.67
CA TYR A 492 -18.44 6.96 12.83
C TYR A 492 -17.68 5.88 13.62
N SER A 493 -16.34 5.89 13.59
CA SER A 493 -15.60 4.81 14.24
C SER A 493 -15.46 4.97 15.75
N GLN A 494 -15.61 6.17 16.29
CA GLN A 494 -15.55 6.29 17.73
C GLN A 494 -16.69 5.55 18.42
N GLN A 495 -17.80 5.31 17.70
CA GLN A 495 -18.86 4.45 18.25
C GLN A 495 -18.30 3.09 18.64
N ALA A 496 -17.39 2.54 17.83
CA ALA A 496 -16.74 1.27 18.11
C ALA A 496 -15.34 1.47 18.70
N ALA A 497 -15.15 2.53 19.48
CA ALA A 497 -13.89 2.72 20.18
C ALA A 497 -13.78 1.72 21.32
N ALA A 498 -12.54 1.43 21.71
CA ALA A 498 -12.29 0.49 22.80
C ALA A 498 -11.48 1.20 23.87
N THR A 499 -12.02 1.28 25.07
CA THR A 499 -11.24 1.84 26.17
C THR A 499 -10.27 0.78 26.65
N PRO A 500 -8.97 1.06 26.64
CA PRO A 500 -8.00 0.00 26.92
C PRO A 500 -8.12 -0.50 28.35
N ALA A 501 -7.81 -1.78 28.52
CA ALA A 501 -7.83 -2.40 29.84
C ALA A 501 -7.04 -1.57 30.83
N GLY A 502 -7.73 -0.82 31.70
CA GLY A 502 -7.11 -0.14 32.82
C GLY A 502 -7.36 1.36 32.94
N CYS A 503 -8.48 1.86 32.41
CA CYS A 503 -8.68 3.29 32.23
C CYS A 503 -10.11 3.65 32.63
N PRO A 504 -10.45 4.96 32.72
CA PRO A 504 -11.84 5.41 32.90
C PRO A 504 -12.88 4.65 32.06
O1 MES B . 2.42 -17.68 -10.62
C2 MES B . 3.80 -17.90 -10.31
C3 MES B . 4.24 -19.30 -10.70
N4 MES B . 3.33 -20.26 -10.04
C5 MES B . 1.89 -20.04 -10.17
C6 MES B . 1.57 -18.58 -9.89
C7 MES B . 3.79 -21.64 -10.10
C8 MES B . 2.96 -22.51 -9.14
S MES B . 3.45 -24.10 -9.30
O1S MES B . 4.92 -24.19 -9.15
O2S MES B . 3.09 -24.62 -10.64
O3S MES B . 2.78 -24.94 -8.29
C1 GOL C . -13.84 5.02 3.19
O1 GOL C . -13.04 4.27 2.32
C2 GOL C . -15.05 5.57 2.38
O2 GOL C . -14.79 5.58 1.02
C3 GOL C . -16.20 4.60 2.71
O3 GOL C . -17.38 5.24 2.37
#